data_3RJQ
#
_entry.id   3RJQ
#
_cell.length_a   66.600
_cell.length_b   66.600
_cell.length_c   266.920
_cell.angle_alpha   90.00
_cell.angle_beta   90.00
_cell.angle_gamma   90.00
#
_symmetry.space_group_name_H-M   'P 43 21 2'
#
loop_
_entity.id
_entity.type
_entity.pdbx_description
1 polymer 'C186 gp120'
2 polymer 'Llama VHH A12'
3 non-polymer 2-acetamido-2-deoxy-beta-D-glucopyranose
#
loop_
_entity_poly.entity_id
_entity_poly.type
_entity_poly.pdbx_seq_one_letter_code
_entity_poly.pdbx_strand_id
1 'polypeptide(L)'
;DIATMYSMQLASCVTLTLVLLVNSVWKEAKTTLFCASDAKAYEKEVHNVWATHACVPTDPNPQEMVLANVTENFNMWKND
MVEQMHEDIISLWDESLKPCVKLTGGSAITQACPKVSFDPIPLHYCAPAGFAILKCNNKTFNGTGPCRNVSTVQCTHGIK
PVVSTQLLLNGSLAEEEIIIRSENLTNNAKTIIVHLNESVNIVCTRPNNGGSGSGGNIRQAHCNINESKWNNTLQKVGEE
LAKHFPSKTIKFEPSSGGDLEITTHSFNCRGEFFYCNTSDLFNGTYRNGTYNHTGRSSNGTITLQCKIKQIINMWQEVGR
AIYAPPIEGEITCNSNITGLLLLRDGGQSNETNDTETFRPGGGDMRDNWRSELYKYKVVEIK
;
A
2 'polypeptide(L)'
;AVQLQESGGGLVQAGGSLRLSCTASGRISSSYDMGWFRQAPGKEREFVAAISWSGGTTDYADSVKGRFAISKDNAKNAVY
LQMNSLKPEDTAVYYCAAKWRPLRYSDYPSNSDYYDWGQGTQVTVSSEQKLISEEDLHHHHHH
;
B
#
loop_
_chem_comp.id
_chem_comp.type
_chem_comp.name
_chem_comp.formula
NAG D-saccharide, beta linking 2-acetamido-2-deoxy-beta-D-glucopyranose 'C8 H15 N O6'
#
# COMPACT_ATOMS: atom_id res chain seq x y z
N TRP A 26 26.14 -2.78 15.67
CA TRP A 26 26.02 -2.92 14.23
C TRP A 26 25.40 -4.26 13.88
N LYS A 27 24.26 -4.55 14.51
CA LYS A 27 23.54 -5.81 14.32
C LYS A 27 22.06 -5.49 14.11
N GLU A 28 21.48 -6.04 13.04
CA GLU A 28 20.10 -5.71 12.69
C GLU A 28 19.13 -5.97 13.84
N ALA A 29 18.27 -5.00 14.10
CA ALA A 29 17.29 -5.11 15.18
C ALA A 29 16.07 -4.24 14.90
N LYS A 30 15.15 -4.22 15.85
CA LYS A 30 13.94 -3.41 15.74
C LYS A 30 13.83 -2.49 16.95
N THR A 31 13.40 -1.25 16.70
CA THR A 31 13.28 -0.26 17.76
C THR A 31 12.39 0.89 17.31
N THR A 32 11.83 1.61 18.28
CA THR A 32 10.88 2.68 18.00
C THR A 32 11.55 3.94 17.46
N LEU A 33 11.42 4.16 16.15
CA LEU A 33 12.00 5.33 15.51
C LEU A 33 11.27 6.61 15.90
N PHE A 34 11.82 7.75 15.51
CA PHE A 34 11.16 9.03 15.69
C PHE A 34 11.27 9.83 14.40
N CYS A 35 10.43 10.84 14.25
CA CYS A 35 10.41 11.61 13.00
C CYS A 35 10.85 13.06 13.21
N ALA A 36 11.51 13.61 12.20
CA ALA A 36 11.91 15.00 12.21
C ALA A 36 11.26 15.72 11.05
N SER A 37 11.02 17.02 11.21
CA SER A 37 10.29 17.77 10.20
C SER A 37 10.76 19.21 10.12
N ASP A 38 10.53 19.83 8.97
CA ASP A 38 10.80 21.26 8.78
C ASP A 38 9.57 22.03 9.20
N ALA A 39 8.70 21.34 9.95
CA ALA A 39 7.42 21.89 10.37
C ALA A 39 7.55 23.31 10.93
N LYS A 40 6.51 24.12 10.70
CA LYS A 40 6.46 25.46 11.26
C LYS A 40 5.26 25.55 12.19
N ALA A 41 5.49 25.98 13.43
CA ALA A 41 4.45 25.99 14.45
C ALA A 41 3.17 26.67 13.99
N TYR A 42 3.31 27.93 13.57
CA TYR A 42 2.15 28.73 13.18
C TYR A 42 1.35 28.15 12.01
N GLU A 43 2.03 27.65 10.98
CA GLU A 43 1.34 27.11 9.80
C GLU A 43 0.19 26.18 10.18
N LYS A 44 -1.01 26.53 9.74
CA LYS A 44 -2.19 25.74 10.06
C LYS A 44 -2.36 24.57 9.09
N GLU A 45 -1.45 24.48 8.12
CA GLU A 45 -1.39 23.33 7.24
C GLU A 45 -1.36 22.08 8.10
N VAL A 46 -2.29 21.16 7.87
CA VAL A 46 -2.50 20.03 8.76
C VAL A 46 -1.22 19.24 9.07
N HIS A 47 -0.39 19.04 8.04
CA HIS A 47 0.86 18.32 8.24
C HIS A 47 1.75 19.06 9.24
N ASN A 48 1.91 20.36 9.03
CA ASN A 48 2.69 21.18 9.95
C ASN A 48 2.14 21.14 11.36
N VAL A 49 0.82 21.04 11.48
CA VAL A 49 0.16 21.01 12.78
C VAL A 49 0.46 19.71 13.53
N TRP A 50 0.32 18.59 12.83
CA TRP A 50 0.59 17.29 13.40
C TRP A 50 2.10 17.11 13.56
N ALA A 51 2.85 17.55 12.56
CA ALA A 51 4.30 17.39 12.56
C ALA A 51 4.97 18.06 13.76
N THR A 52 4.79 19.37 13.89
CA THR A 52 5.38 20.11 14.99
C THR A 52 5.19 19.38 16.32
N HIS A 53 3.97 18.88 16.53
CA HIS A 53 3.63 18.21 17.79
C HIS A 53 4.33 16.87 17.96
N ALA A 54 4.26 16.03 16.93
CA ALA A 54 4.79 14.67 17.03
C ALA A 54 6.25 14.56 16.59
N CYS A 55 6.79 15.64 16.03
CA CYS A 55 8.13 15.61 15.48
C CYS A 55 9.10 16.62 16.12
N VAL A 56 10.38 16.39 15.88
CA VAL A 56 11.42 17.27 16.37
C VAL A 56 12.17 17.84 15.18
N PRO A 57 12.71 19.06 15.31
CA PRO A 57 13.55 19.66 14.27
C PRO A 57 14.54 18.66 13.68
N THR A 58 14.75 18.74 12.36
CA THR A 58 15.78 17.92 11.72
C THR A 58 17.13 18.49 12.09
N ASP A 59 18.14 17.63 12.14
CA ASP A 59 19.50 18.10 12.44
C ASP A 59 20.09 18.74 11.19
N PRO A 60 20.48 20.01 11.30
CA PRO A 60 21.00 20.82 10.19
C PRO A 60 22.19 20.18 9.49
N ASN A 61 23.40 19.88 10.18
CA ASN A 61 24.64 19.35 9.63
C ASN A 61 24.80 17.84 9.78
N PRO A 62 24.13 17.08 8.90
CA PRO A 62 24.33 15.63 8.75
C PRO A 62 25.09 15.33 7.45
N GLN A 63 25.87 14.26 7.51
CA GLN A 63 26.42 13.42 8.60
C GLN A 63 26.35 11.94 8.20
N GLU A 64 27.06 11.60 7.12
CA GLU A 64 27.12 10.23 6.63
C GLU A 64 28.50 9.62 6.78
N MET A 65 28.54 8.38 7.25
CA MET A 65 29.74 7.57 7.15
C MET A 65 29.58 6.78 5.86
N VAL A 66 30.69 6.26 5.32
CA VAL A 66 30.62 5.54 4.05
C VAL A 66 31.45 4.27 4.07
N LEU A 67 30.91 3.20 3.48
CA LEU A 67 31.62 1.93 3.39
C LEU A 67 31.64 1.41 1.97
N ALA A 68 32.59 0.52 1.68
CA ALA A 68 32.64 -0.18 0.40
C ALA A 68 33.29 -1.53 0.63
N ASN A 69 33.12 -2.45 -0.31
CA ASN A 69 33.54 -3.84 -0.12
C ASN A 69 32.74 -4.51 1.00
N VAL A 70 31.89 -3.74 1.65
CA VAL A 70 31.02 -4.27 2.70
C VAL A 70 29.69 -4.70 2.08
N THR A 71 29.24 -5.89 2.44
CA THR A 71 28.01 -6.43 1.88
C THR A 71 27.01 -6.78 3.00
N GLU A 72 25.78 -6.30 2.86
CA GLU A 72 24.73 -6.60 3.83
C GLU A 72 23.43 -7.06 3.18
N ASN A 73 22.69 -7.90 3.89
CA ASN A 73 21.41 -8.41 3.40
C ASN A 73 20.25 -7.48 3.71
N PHE A 74 19.70 -6.88 2.67
CA PHE A 74 18.53 -6.02 2.81
C PHE A 74 17.26 -6.78 2.43
N ASN A 75 16.11 -6.19 2.76
CA ASN A 75 14.82 -6.74 2.34
C ASN A 75 13.67 -5.73 2.47
N MET A 76 13.40 -5.03 1.38
CA MET A 76 12.35 -4.01 1.36
C MET A 76 10.97 -4.59 1.67
N TRP A 77 10.86 -5.90 1.62
CA TRP A 77 9.56 -6.56 1.75
C TRP A 77 9.30 -7.06 3.17
N LYS A 78 10.35 -7.11 3.97
CA LYS A 78 10.23 -7.40 5.40
C LYS A 78 11.06 -6.35 6.15
N ASN A 79 10.50 -5.14 6.23
CA ASN A 79 11.21 -3.98 6.78
C ASN A 79 10.33 -3.25 7.80
N ASP A 80 10.69 -3.33 9.08
CA ASP A 80 9.88 -2.73 10.14
C ASP A 80 9.69 -1.22 10.00
N MET A 81 10.67 -0.56 9.39
CA MET A 81 10.62 0.89 9.21
C MET A 81 9.34 1.28 8.48
N VAL A 82 8.99 0.51 7.45
CA VAL A 82 7.80 0.76 6.67
C VAL A 82 6.57 0.81 7.57
N GLU A 83 6.43 -0.19 8.44
CA GLU A 83 5.30 -0.24 9.36
C GLU A 83 5.18 0.98 10.26
N GLN A 84 6.31 1.51 10.71
CA GLN A 84 6.30 2.67 11.61
C GLN A 84 5.78 3.91 10.90
N MET A 85 6.33 4.19 9.73
CA MET A 85 5.87 5.33 8.93
C MET A 85 4.37 5.24 8.65
N HIS A 86 3.92 4.04 8.30
CA HIS A 86 2.51 3.80 8.01
C HIS A 86 1.63 4.24 9.19
N GLU A 87 1.96 3.74 10.38
CA GLU A 87 1.17 4.03 11.57
C GLU A 87 1.05 5.52 11.85
N ASP A 88 2.13 6.25 11.56
CA ASP A 88 2.17 7.68 11.81
C ASP A 88 1.24 8.42 10.86
N ILE A 89 1.27 8.02 9.60
CA ILE A 89 0.47 8.66 8.56
C ILE A 89 -1.02 8.41 8.76
N ILE A 90 -1.38 7.19 9.11
CA ILE A 90 -2.76 6.91 9.51
C ILE A 90 -3.16 7.93 10.56
N SER A 91 -2.43 7.92 11.67
CA SER A 91 -2.70 8.81 12.78
C SER A 91 -2.70 10.26 12.31
N LEU A 92 -1.87 10.56 11.32
CA LEU A 92 -1.83 11.90 10.74
C LEU A 92 -3.17 12.28 10.11
N TRP A 93 -3.66 11.45 9.20
CA TRP A 93 -4.94 11.70 8.56
C TRP A 93 -6.07 11.70 9.57
N ASP A 94 -6.06 10.74 10.48
CA ASP A 94 -7.09 10.62 11.51
C ASP A 94 -7.28 11.92 12.28
N GLU A 95 -6.19 12.45 12.83
CA GLU A 95 -6.23 13.71 13.56
C GLU A 95 -6.72 14.82 12.64
N SER A 96 -6.24 14.78 11.40
CA SER A 96 -6.54 15.82 10.42
C SER A 96 -8.03 15.96 10.14
N LEU A 97 -8.72 14.83 10.02
CA LEU A 97 -10.12 14.82 9.62
C LEU A 97 -11.08 14.77 10.81
N LYS A 98 -12.00 15.72 10.86
CA LYS A 98 -12.97 15.81 11.95
C LYS A 98 -14.10 16.77 11.59
N VAL A 116 -9.33 25.36 6.01
CA VAL A 116 -8.76 24.07 5.64
C VAL A 116 -7.45 24.24 4.87
N SER A 117 -6.42 23.50 5.29
CA SER A 117 -5.11 23.55 4.66
C SER A 117 -4.56 22.14 4.53
N PHE A 118 -3.90 21.84 3.41
CA PHE A 118 -3.40 20.49 3.19
C PHE A 118 -2.37 20.37 2.06
N ASP A 119 -1.12 20.10 2.44
CA ASP A 119 -0.09 19.67 1.50
C ASP A 119 1.12 19.06 2.20
N PRO A 120 1.37 17.76 1.97
CA PRO A 120 2.40 16.95 2.62
C PRO A 120 3.78 17.62 2.69
N ILE A 121 4.58 17.17 3.65
CA ILE A 121 5.91 17.69 3.91
C ILE A 121 6.92 16.55 3.83
N PRO A 122 8.16 16.84 3.39
CA PRO A 122 9.20 15.82 3.49
C PRO A 122 9.42 15.43 4.94
N LEU A 123 9.19 14.15 5.25
CA LEU A 123 9.41 13.64 6.59
C LEU A 123 10.70 12.84 6.69
N HIS A 124 11.34 12.91 7.84
CA HIS A 124 12.56 12.16 8.10
C HIS A 124 12.35 11.19 9.27
N TYR A 125 12.96 10.03 9.19
CA TYR A 125 12.85 9.03 10.25
C TYR A 125 14.21 8.65 10.81
N CYS A 126 14.38 8.84 12.11
CA CYS A 126 15.71 8.77 12.72
C CYS A 126 15.82 7.65 13.74
N ALA A 127 17.04 7.17 13.94
CA ALA A 127 17.31 6.07 14.86
C ALA A 127 17.78 6.57 16.22
N PRO A 128 17.24 5.96 17.30
CA PRO A 128 17.54 6.33 18.69
C PRO A 128 19.01 6.11 19.02
N ALA A 129 19.48 6.78 20.07
CA ALA A 129 20.85 6.58 20.53
C ALA A 129 21.05 5.11 20.82
N GLY A 130 22.09 4.51 20.22
CA GLY A 130 22.33 3.09 20.35
C GLY A 130 22.10 2.39 19.03
N PHE A 131 21.43 3.09 18.11
CA PHE A 131 21.08 2.53 16.82
C PHE A 131 21.49 3.44 15.68
N ALA A 132 21.52 2.87 14.49
CA ALA A 132 21.86 3.62 13.29
C ALA A 132 21.08 3.05 12.10
N ILE A 133 21.14 3.75 10.97
CA ILE A 133 20.41 3.33 9.79
C ILE A 133 21.35 3.09 8.62
N LEU A 134 21.39 1.84 8.14
CA LEU A 134 22.19 1.50 6.98
C LEU A 134 21.54 2.03 5.71
N LYS A 135 22.33 2.74 4.91
CA LYS A 135 21.85 3.30 3.66
C LYS A 135 22.56 2.67 2.46
N CYS A 136 21.89 1.71 1.81
CA CYS A 136 22.47 1.02 0.67
C CYS A 136 22.68 1.97 -0.51
N ASN A 137 23.92 2.07 -0.96
CA ASN A 137 24.29 3.03 -2.01
C ASN A 137 24.28 2.46 -3.42
N ASN A 138 24.24 1.14 -3.54
CA ASN A 138 24.10 0.49 -4.83
C ASN A 138 22.81 0.95 -5.53
N LYS A 139 22.96 1.84 -6.50
CA LYS A 139 21.81 2.43 -7.18
C LYS A 139 21.19 1.45 -8.18
N THR A 140 21.70 0.22 -8.18
CA THR A 140 21.20 -0.82 -9.07
C THR A 140 20.42 -1.85 -8.26
N PHE A 141 20.29 -1.61 -6.96
CA PHE A 141 19.65 -2.56 -6.07
C PHE A 141 18.19 -2.85 -6.42
N ASN A 142 17.86 -4.13 -6.50
CA ASN A 142 16.50 -4.57 -6.77
C ASN A 142 15.64 -4.54 -5.51
N GLY A 143 16.21 -4.06 -4.40
CA GLY A 143 15.48 -3.96 -3.15
C GLY A 143 15.57 -5.18 -2.26
N THR A 144 16.10 -6.28 -2.80
CA THR A 144 16.20 -7.51 -2.01
C THR A 144 17.52 -8.26 -2.21
N GLY A 145 18.09 -8.77 -1.13
CA GLY A 145 19.32 -9.53 -1.20
C GLY A 145 20.51 -8.83 -0.58
N PRO A 146 21.71 -9.06 -1.15
CA PRO A 146 22.97 -8.48 -0.68
C PRO A 146 23.35 -7.19 -1.41
N CYS A 147 23.90 -6.23 -0.67
CA CYS A 147 24.38 -4.98 -1.27
C CYS A 147 25.82 -4.69 -0.83
N ARG A 148 26.73 -4.65 -1.79
CA ARG A 148 28.16 -4.60 -1.51
C ARG A 148 28.68 -3.16 -1.36
N ASN A 149 27.77 -2.21 -1.20
CA ASN A 149 28.14 -0.80 -1.16
C ASN A 149 27.17 0.00 -0.29
N VAL A 150 27.49 0.15 0.99
CA VAL A 150 26.55 0.74 1.95
C VAL A 150 27.13 1.91 2.74
N SER A 151 26.25 2.66 3.40
CA SER A 151 26.66 3.80 4.23
C SER A 151 26.00 3.78 5.61
N THR A 152 26.16 4.87 6.34
CA THR A 152 25.63 4.97 7.70
C THR A 152 25.11 6.36 8.03
N VAL A 153 23.79 6.44 8.26
CA VAL A 153 23.17 7.70 8.65
C VAL A 153 22.32 7.48 9.90
N GLN A 154 21.79 8.57 10.44
CA GLN A 154 20.90 8.49 11.59
C GLN A 154 19.46 8.73 11.17
N CYS A 155 19.26 9.63 10.22
CA CYS A 155 17.92 9.95 9.74
C CYS A 155 17.78 9.74 8.23
N THR A 156 16.54 9.57 7.78
CA THR A 156 16.25 9.34 6.37
C THR A 156 16.08 10.68 5.66
N HIS A 157 16.12 10.64 4.34
CA HIS A 157 15.90 11.86 3.55
C HIS A 157 14.46 12.32 3.72
N GLY A 158 14.16 13.52 3.23
CA GLY A 158 12.82 14.07 3.31
C GLY A 158 11.85 13.31 2.42
N ILE A 159 10.90 12.63 3.04
CA ILE A 159 9.96 11.79 2.31
C ILE A 159 8.52 12.25 2.51
N LYS A 160 7.92 12.79 1.45
CA LYS A 160 6.52 13.21 1.50
C LYS A 160 5.57 12.03 1.54
N PRO A 161 4.65 12.03 2.50
CA PRO A 161 3.59 11.03 2.65
C PRO A 161 2.45 11.25 1.65
N VAL A 162 2.69 10.92 0.38
CA VAL A 162 1.67 11.08 -0.65
C VAL A 162 0.92 9.77 -0.89
N VAL A 163 -0.34 9.74 -0.47
CA VAL A 163 -1.17 8.56 -0.65
C VAL A 163 -1.75 8.52 -2.06
N SER A 164 -1.52 7.41 -2.76
CA SER A 164 -2.06 7.24 -4.11
C SER A 164 -2.15 5.77 -4.54
N THR A 165 -2.59 5.56 -5.77
CA THR A 165 -2.74 4.22 -6.35
C THR A 165 -2.31 4.22 -7.81
N GLN A 166 -1.66 3.13 -8.23
CA GLN A 166 -1.22 2.94 -9.62
C GLN A 166 0.09 3.68 -9.94
N LEU A 167 0.16 4.94 -9.55
CA LEU A 167 1.36 5.75 -9.78
C LEU A 167 1.84 6.41 -8.51
N LEU A 168 3.15 6.35 -8.28
CA LEU A 168 3.78 7.00 -7.14
C LEU A 168 4.17 8.40 -7.57
N LEU A 169 3.86 9.39 -6.73
CA LEU A 169 4.01 10.78 -7.12
C LEU A 169 4.89 11.60 -6.15
N ASN A 170 5.67 12.52 -6.70
CA ASN A 170 6.57 13.36 -5.91
C ASN A 170 7.65 12.57 -5.18
N GLY A 171 7.85 11.30 -5.56
CA GLY A 171 8.87 10.48 -4.94
C GLY A 171 10.22 10.64 -5.60
N SER A 172 11.25 10.01 -5.04
CA SER A 172 12.60 10.08 -5.61
C SER A 172 12.72 9.24 -6.87
N LEU A 173 13.78 9.46 -7.63
CA LEU A 173 13.96 8.75 -8.90
C LEU A 173 15.09 7.73 -8.82
N ALA A 174 15.13 6.82 -9.79
CA ALA A 174 16.18 5.81 -9.85
C ALA A 174 17.31 6.25 -10.76
N GLU A 175 18.50 6.38 -10.19
CA GLU A 175 19.69 6.68 -10.98
C GLU A 175 19.86 5.61 -12.04
N GLU A 176 20.15 6.03 -13.26
CA GLU A 176 20.39 5.10 -14.37
C GLU A 176 19.11 4.39 -14.85
N GLU A 177 19.09 3.07 -14.74
CA GLU A 177 18.03 2.28 -15.35
C GLU A 177 16.73 2.22 -14.56
N ILE A 178 15.66 1.82 -15.24
CA ILE A 178 14.39 1.52 -14.59
C ILE A 178 14.63 0.39 -13.59
N ILE A 179 14.14 0.57 -12.37
CA ILE A 179 14.32 -0.45 -11.34
C ILE A 179 13.04 -1.26 -11.11
N ILE A 180 13.22 -2.56 -10.92
CA ILE A 180 12.12 -3.50 -10.87
C ILE A 180 12.13 -4.28 -9.55
N ARG A 181 11.00 -4.31 -8.86
CA ARG A 181 10.95 -4.89 -7.52
C ARG A 181 9.68 -5.66 -7.22
N SER A 182 9.83 -6.77 -6.51
CA SER A 182 8.73 -7.66 -6.17
C SER A 182 9.25 -8.69 -5.17
N GLU A 183 8.40 -9.12 -4.25
CA GLU A 183 8.78 -10.15 -3.29
C GLU A 183 9.00 -11.45 -4.05
N ASN A 184 8.12 -11.71 -5.00
CA ASN A 184 8.19 -12.93 -5.80
C ASN A 184 7.54 -12.70 -7.16
N LEU A 185 8.37 -12.55 -8.19
CA LEU A 185 7.85 -12.38 -9.55
C LEU A 185 7.07 -13.61 -9.97
N THR A 186 7.58 -14.78 -9.64
CA THR A 186 6.89 -16.04 -9.90
C THR A 186 5.49 -15.97 -9.29
N ASN A 187 5.33 -15.10 -8.30
CA ASN A 187 4.05 -14.91 -7.65
C ASN A 187 3.33 -13.71 -8.25
N ASN A 188 2.43 -13.98 -9.20
CA ASN A 188 1.66 -12.93 -9.87
C ASN A 188 0.82 -12.13 -8.88
N ALA A 189 0.56 -12.72 -7.72
CA ALA A 189 -0.25 -12.10 -6.69
C ALA A 189 0.49 -10.98 -5.95
N LYS A 190 1.82 -11.09 -5.87
CA LYS A 190 2.64 -10.07 -5.26
C LYS A 190 2.78 -8.85 -6.17
N THR A 191 2.61 -7.66 -5.59
CA THR A 191 2.69 -6.42 -6.35
C THR A 191 4.09 -6.20 -6.93
N ILE A 192 4.16 -5.43 -8.02
CA ILE A 192 5.42 -5.09 -8.65
C ILE A 192 5.67 -3.58 -8.62
N ILE A 193 6.79 -3.16 -8.04
CA ILE A 193 7.12 -1.74 -7.96
C ILE A 193 8.17 -1.39 -9.00
N VAL A 194 7.83 -0.50 -9.92
CA VAL A 194 8.73 -0.08 -10.97
C VAL A 194 9.23 1.34 -10.70
N HIS A 195 10.54 1.47 -10.51
CA HIS A 195 11.15 2.77 -10.23
C HIS A 195 11.49 3.48 -11.54
N LEU A 196 11.11 4.76 -11.64
CA LEU A 196 11.39 5.54 -12.84
C LEU A 196 12.72 6.31 -12.75
N ASN A 197 13.47 6.30 -13.85
CA ASN A 197 14.72 7.04 -13.92
C ASN A 197 14.56 8.40 -14.60
N GLU A 198 13.34 8.66 -15.07
CA GLU A 198 12.99 9.96 -15.63
C GLU A 198 11.53 10.25 -15.33
N SER A 199 11.29 11.37 -14.64
CA SER A 199 9.94 11.70 -14.15
C SER A 199 9.03 12.23 -15.26
N VAL A 200 7.72 12.09 -15.04
CA VAL A 200 6.72 12.63 -15.95
C VAL A 200 5.77 13.56 -15.20
N ASN A 201 5.62 14.78 -15.68
CA ASN A 201 4.76 15.76 -15.03
C ASN A 201 3.29 15.45 -15.25
N ILE A 202 2.45 15.96 -14.34
CA ILE A 202 1.02 15.70 -14.38
C ILE A 202 0.24 16.85 -13.73
N VAL A 203 -0.89 17.21 -14.34
CA VAL A 203 -1.70 18.32 -13.86
C VAL A 203 -3.18 18.02 -13.90
N CYS A 204 -3.72 17.54 -12.79
CA CYS A 204 -5.15 17.29 -12.66
C CYS A 204 -5.81 18.47 -11.96
N THR A 205 -6.81 19.07 -12.60
CA THR A 205 -7.39 20.30 -12.09
C THR A 205 -8.81 20.58 -12.59
N ARG A 206 -9.61 21.22 -11.73
CA ARG A 206 -10.95 21.65 -12.08
C ARG A 206 -11.57 22.46 -10.95
N ALA A 221 -13.24 16.48 -13.53
CA ALA A 221 -11.84 16.88 -13.65
C ALA A 221 -11.12 16.08 -14.73
N HIS A 222 -9.87 16.46 -15.01
CA HIS A 222 -9.10 15.85 -16.07
C HIS A 222 -7.61 16.01 -15.78
N CYS A 223 -6.82 15.04 -16.24
CA CYS A 223 -5.38 15.05 -16.01
C CYS A 223 -4.62 14.88 -17.32
N ASN A 224 -3.37 15.31 -17.36
CA ASN A 224 -2.63 15.32 -18.61
C ASN A 224 -1.18 14.82 -18.53
N ILE A 225 -0.84 13.93 -19.45
CA ILE A 225 0.51 13.41 -19.59
C ILE A 225 0.99 13.66 -21.01
N ASN A 226 2.28 13.93 -21.17
CA ASN A 226 2.83 14.06 -22.51
C ASN A 226 2.94 12.68 -23.17
N GLU A 227 2.23 12.51 -24.28
CA GLU A 227 2.29 11.27 -25.03
C GLU A 227 3.74 10.86 -25.24
N SER A 228 4.50 11.78 -25.82
CA SER A 228 5.90 11.53 -26.14
C SER A 228 6.69 11.00 -24.96
N LYS A 229 6.44 11.54 -23.76
CA LYS A 229 7.19 11.09 -22.60
C LYS A 229 6.68 9.76 -22.04
N TRP A 230 5.39 9.50 -22.21
CA TRP A 230 4.79 8.27 -21.70
C TRP A 230 5.24 7.04 -22.50
N ASN A 231 4.99 7.05 -23.81
CA ASN A 231 5.44 5.95 -24.65
C ASN A 231 6.94 5.66 -24.47
N ASN A 232 7.72 6.71 -24.27
CA ASN A 232 9.15 6.54 -23.99
C ASN A 232 9.34 5.67 -22.77
N THR A 233 8.54 5.92 -21.75
CA THR A 233 8.65 5.19 -20.49
C THR A 233 8.28 3.72 -20.63
N LEU A 234 7.12 3.47 -21.25
CA LEU A 234 6.58 2.12 -21.33
C LEU A 234 7.44 1.14 -22.14
N GLN A 235 8.04 1.60 -23.23
CA GLN A 235 8.90 0.74 -24.03
C GLN A 235 10.08 0.26 -23.18
N LYS A 236 10.73 1.21 -22.52
CA LYS A 236 11.85 0.91 -21.64
C LYS A 236 11.41 -0.01 -20.52
N VAL A 237 10.13 0.09 -20.14
CA VAL A 237 9.58 -0.73 -19.07
C VAL A 237 9.34 -2.16 -19.54
N GLY A 238 8.68 -2.30 -20.68
CA GLY A 238 8.48 -3.61 -21.27
C GLY A 238 9.83 -4.24 -21.56
N GLU A 239 10.82 -3.40 -21.79
CA GLU A 239 12.18 -3.87 -22.02
C GLU A 239 12.73 -4.50 -20.76
N GLU A 240 12.71 -3.75 -19.65
CA GLU A 240 13.10 -4.28 -18.36
C GLU A 240 12.27 -5.51 -18.00
N LEU A 241 10.98 -5.45 -18.28
CA LEU A 241 10.09 -6.57 -18.03
C LEU A 241 10.46 -7.76 -18.90
N ALA A 242 10.75 -7.49 -20.18
CA ALA A 242 11.15 -8.53 -21.11
C ALA A 242 12.41 -9.22 -20.60
N LYS A 243 13.19 -8.50 -19.79
CA LYS A 243 14.38 -9.08 -19.20
C LYS A 243 13.96 -10.17 -18.23
N HIS A 244 12.90 -9.90 -17.46
CA HIS A 244 12.39 -10.86 -16.48
C HIS A 244 11.40 -11.84 -17.12
N PHE A 245 10.89 -11.48 -18.30
CA PHE A 245 9.96 -12.35 -19.01
C PHE A 245 10.40 -12.58 -20.45
N PRO A 246 10.67 -13.84 -20.79
CA PRO A 246 11.35 -14.25 -22.02
C PRO A 246 10.47 -14.15 -23.26
N SER A 247 10.23 -15.29 -23.87
CA SER A 247 9.44 -15.38 -25.10
C SER A 247 7.96 -15.15 -24.83
N LYS A 248 7.63 -13.96 -24.33
CA LYS A 248 6.26 -13.63 -23.99
C LYS A 248 5.92 -12.18 -24.33
N THR A 249 4.77 -11.98 -24.97
CA THR A 249 4.28 -10.65 -25.28
C THR A 249 3.87 -9.94 -23.99
N ILE A 250 4.39 -8.74 -23.79
CA ILE A 250 4.08 -7.99 -22.58
C ILE A 250 3.01 -6.94 -22.86
N LYS A 251 1.77 -7.26 -22.49
CA LYS A 251 0.65 -6.36 -22.70
C LYS A 251 0.34 -5.57 -21.43
N PHE A 252 -0.26 -4.40 -21.60
CA PHE A 252 -0.65 -3.57 -20.47
C PHE A 252 -2.14 -3.24 -20.52
N GLU A 253 -2.87 -3.60 -19.47
CA GLU A 253 -4.30 -3.40 -19.44
C GLU A 253 -4.78 -2.72 -18.15
N PRO A 254 -5.82 -1.89 -18.27
CA PRO A 254 -6.38 -1.14 -17.13
C PRO A 254 -6.79 -2.09 -16.00
N SER A 255 -6.91 -1.57 -14.79
CA SER A 255 -7.22 -2.40 -13.64
C SER A 255 -8.50 -3.19 -13.86
N SER A 256 -8.39 -4.51 -13.78
CA SER A 256 -9.47 -5.43 -14.14
C SER A 256 -10.71 -5.37 -13.23
N GLY A 257 -10.53 -4.95 -11.99
CA GLY A 257 -11.64 -4.88 -11.06
C GLY A 257 -11.24 -4.51 -9.64
N GLY A 258 -12.23 -4.36 -8.77
CA GLY A 258 -11.98 -4.02 -7.38
C GLY A 258 -12.40 -2.62 -7.02
N ASP A 259 -12.02 -2.18 -5.83
CA ASP A 259 -12.40 -0.85 -5.32
C ASP A 259 -12.03 0.28 -6.28
N LEU A 260 -12.73 1.40 -6.15
CA LEU A 260 -12.55 2.52 -7.08
C LEU A 260 -11.20 3.21 -6.98
N GLU A 261 -10.58 3.16 -5.80
CA GLU A 261 -9.25 3.73 -5.64
C GLU A 261 -8.24 2.91 -6.41
N ILE A 262 -8.46 1.59 -6.40
CA ILE A 262 -7.55 0.63 -7.03
C ILE A 262 -7.71 0.54 -8.56
N THR A 263 -8.94 0.74 -9.05
CA THR A 263 -9.23 0.61 -10.49
C THR A 263 -8.98 1.91 -11.27
N THR A 264 -8.97 3.03 -10.55
CA THR A 264 -8.61 4.32 -11.13
C THR A 264 -7.31 4.79 -10.49
N HIS A 265 -6.70 5.83 -11.05
CA HIS A 265 -5.58 6.48 -10.37
C HIS A 265 -6.17 7.42 -9.33
N SER A 266 -5.92 7.13 -8.06
CA SER A 266 -6.46 7.96 -6.99
C SER A 266 -5.35 8.71 -6.25
N PHE A 267 -5.73 9.83 -5.64
CA PHE A 267 -4.80 10.72 -4.96
C PHE A 267 -5.57 11.92 -4.43
N ASN A 268 -4.93 12.70 -3.57
CA ASN A 268 -5.57 13.85 -2.94
C ASN A 268 -4.81 15.15 -3.16
N CYS A 269 -5.51 16.16 -3.66
CA CYS A 269 -4.92 17.48 -3.82
C CYS A 269 -5.71 18.54 -3.04
N ARG A 270 -5.00 19.30 -2.20
CA ARG A 270 -5.59 20.36 -1.40
C ARG A 270 -6.77 19.89 -0.55
N GLY A 271 -6.91 18.58 -0.40
CA GLY A 271 -7.96 18.01 0.44
C GLY A 271 -9.13 17.45 -0.33
N GLU A 272 -9.02 17.48 -1.65
CA GLU A 272 -10.06 16.93 -2.51
C GLU A 272 -9.58 15.60 -3.08
N PHE A 273 -10.50 14.64 -3.16
CA PHE A 273 -10.16 13.31 -3.64
C PHE A 273 -10.41 13.18 -5.13
N PHE A 274 -9.37 12.81 -5.86
CA PHE A 274 -9.45 12.66 -7.31
C PHE A 274 -9.27 11.20 -7.71
N TYR A 275 -10.28 10.63 -8.36
CA TYR A 275 -10.23 9.26 -8.85
C TYR A 275 -10.25 9.31 -10.36
N CYS A 276 -9.10 9.05 -10.99
CA CYS A 276 -9.01 9.25 -12.43
C CYS A 276 -8.98 7.98 -13.28
N ASN A 277 -9.68 8.03 -14.41
CA ASN A 277 -9.74 6.93 -15.35
C ASN A 277 -8.37 6.63 -15.92
N THR A 278 -7.98 5.36 -15.89
CA THR A 278 -6.66 4.93 -16.32
C THR A 278 -6.64 4.04 -17.58
N SER A 279 -7.79 3.83 -18.18
CA SER A 279 -7.90 2.88 -19.29
C SER A 279 -7.03 3.23 -20.47
N ASP A 280 -6.95 4.52 -20.81
CA ASP A 280 -6.11 4.94 -21.91
C ASP A 280 -4.63 4.70 -21.69
N LEU A 281 -4.16 4.98 -20.48
CA LEU A 281 -2.75 4.83 -20.14
C LEU A 281 -2.23 3.39 -20.20
N PHE A 282 -2.97 2.46 -19.63
CA PHE A 282 -2.56 1.06 -19.66
C PHE A 282 -3.18 0.31 -20.82
N ASN A 283 -2.89 0.77 -22.04
CA ASN A 283 -3.45 0.16 -23.24
C ASN A 283 -2.43 -0.14 -24.33
N GLY A 284 -1.28 -0.66 -23.94
CA GLY A 284 -0.21 -0.92 -24.89
C GLY A 284 0.36 -2.32 -24.90
N THR A 285 0.60 -2.86 -26.09
CA THR A 285 1.21 -4.19 -26.25
C THR A 285 2.63 -4.08 -26.81
N TYR A 286 3.57 -4.78 -26.18
CA TYR A 286 4.98 -4.59 -26.49
C TYR A 286 5.75 -5.90 -26.65
N ARG A 287 5.81 -6.41 -27.88
CA ARG A 287 6.56 -7.63 -28.20
C ARG A 287 8.07 -7.37 -28.21
N ASN A 288 8.75 -7.80 -29.27
CA ASN A 288 10.15 -7.44 -29.48
C ASN A 288 10.25 -5.93 -29.61
N GLY A 289 9.56 -5.42 -30.62
CA GLY A 289 9.33 -4.00 -30.77
C GLY A 289 8.11 -3.70 -29.92
N THR A 290 7.76 -2.43 -29.82
CA THR A 290 6.72 -2.02 -28.89
C THR A 290 5.88 -0.87 -29.45
N TYR A 291 4.58 -0.86 -29.14
CA TYR A 291 3.69 0.26 -29.50
C TYR A 291 2.39 0.36 -28.67
N ASN A 292 2.18 1.54 -28.06
CA ASN A 292 1.00 1.85 -27.22
C ASN A 292 -0.09 2.60 -27.96
N HIS A 293 -1.28 1.99 -28.05
CA HIS A 293 -2.43 2.61 -28.68
C HIS A 293 -3.45 3.05 -27.61
N THR A 294 -3.91 4.30 -27.67
CA THR A 294 -5.04 4.81 -26.87
C THR A 294 -5.54 6.17 -27.35
N GLY A 295 -6.83 6.45 -27.10
CA GLY A 295 -7.40 7.74 -27.38
C GLY A 295 -6.68 8.95 -26.78
N THR A 301 -1.25 14.39 -26.70
CA THR A 301 -1.18 14.04 -25.29
C THR A 301 -2.35 13.14 -24.88
N ILE A 302 -2.25 12.56 -23.68
CA ILE A 302 -3.29 11.67 -23.17
C ILE A 302 -4.12 12.38 -22.10
N THR A 303 -5.43 12.13 -22.10
CA THR A 303 -6.33 12.73 -21.13
C THR A 303 -7.08 11.65 -20.36
N LEU A 304 -7.15 11.85 -19.04
CA LEU A 304 -7.80 10.88 -18.15
C LEU A 304 -8.91 11.56 -17.36
N GLN A 305 -10.12 11.06 -17.49
CA GLN A 305 -11.28 11.66 -16.83
C GLN A 305 -11.24 11.38 -15.33
N CYS A 306 -11.15 12.44 -14.52
CA CYS A 306 -11.11 12.29 -13.06
C CYS A 306 -12.40 12.74 -12.37
N LYS A 307 -12.84 11.98 -11.37
CA LYS A 307 -13.98 12.33 -10.53
C LYS A 307 -13.49 13.05 -9.27
N ILE A 308 -14.39 13.80 -8.64
CA ILE A 308 -14.06 14.61 -7.46
C ILE A 308 -14.97 14.23 -6.30
N LYS A 309 -14.85 14.96 -5.20
CA LYS A 309 -15.64 14.68 -4.01
C LYS A 309 -16.06 15.97 -3.32
N GLN A 310 -17.10 15.87 -2.49
CA GLN A 310 -17.56 16.98 -1.67
C GLN A 310 -18.99 16.73 -1.21
N THR A 332 -6.20 22.91 -8.69
CA THR A 332 -5.12 22.46 -9.56
C THR A 332 -3.85 22.14 -8.77
N CYS A 333 -3.16 21.07 -9.18
CA CYS A 333 -1.92 20.65 -8.53
C CYS A 333 -1.00 19.94 -9.51
N ASN A 334 0.26 20.37 -9.55
CA ASN A 334 1.23 19.78 -10.47
C ASN A 334 2.30 18.98 -9.74
N SER A 335 2.34 17.67 -10.01
CA SER A 335 3.29 16.79 -9.37
C SER A 335 4.05 15.94 -10.39
N ASN A 336 5.05 15.21 -9.92
CA ASN A 336 5.89 14.39 -10.78
C ASN A 336 5.73 12.89 -10.51
N ILE A 337 5.31 12.16 -11.53
CA ILE A 337 5.19 10.71 -11.42
C ILE A 337 6.58 10.09 -11.40
N THR A 338 6.82 9.20 -10.45
CA THR A 338 8.16 8.66 -10.25
C THR A 338 8.25 7.14 -10.18
N GLY A 339 7.11 6.46 -10.18
CA GLY A 339 7.10 5.01 -10.07
C GLY A 339 5.77 4.36 -10.38
N LEU A 340 5.78 3.03 -10.44
CA LEU A 340 4.57 2.28 -10.80
C LEU A 340 4.29 1.10 -9.90
N LEU A 341 3.03 0.67 -9.90
CA LEU A 341 2.60 -0.53 -9.20
C LEU A 341 1.88 -1.44 -10.19
N LEU A 342 2.48 -2.60 -10.48
CA LEU A 342 1.91 -3.51 -11.45
C LEU A 342 1.51 -4.85 -10.84
N LEU A 343 0.64 -5.57 -11.55
CA LEU A 343 0.21 -6.91 -11.16
C LEU A 343 0.06 -7.77 -12.42
N ARG A 344 0.65 -8.96 -12.39
CA ARG A 344 0.63 -9.86 -13.54
C ARG A 344 -0.51 -10.87 -13.44
N ASP A 345 -1.11 -11.19 -14.59
CA ASP A 345 -2.19 -12.16 -14.65
C ASP A 345 -1.64 -13.58 -14.75
N GLY A 346 -2.23 -14.48 -13.97
CA GLY A 346 -1.83 -15.88 -13.98
C GLY A 346 -2.65 -16.69 -14.96
N ASP A 354 0.66 -17.68 -23.79
CA ASP A 354 1.79 -17.22 -24.58
C ASP A 354 2.13 -15.77 -24.25
N THR A 355 1.30 -15.16 -23.41
CA THR A 355 1.42 -13.74 -23.09
C THR A 355 1.57 -13.48 -21.59
N GLU A 356 2.12 -12.32 -21.25
CA GLU A 356 2.21 -11.88 -19.85
C GLU A 356 1.74 -10.43 -19.72
N THR A 357 0.47 -10.26 -19.37
CA THR A 357 -0.11 -8.93 -19.27
C THR A 357 -0.05 -8.41 -17.83
N PHE A 358 0.24 -7.12 -17.71
CA PHE A 358 0.29 -6.47 -16.41
C PHE A 358 -0.78 -5.41 -16.33
N ARG A 359 -1.27 -5.18 -15.12
CA ARG A 359 -2.25 -4.14 -14.88
C ARG A 359 -1.77 -3.27 -13.73
N PRO A 360 -2.43 -2.12 -13.50
CA PRO A 360 -2.02 -1.23 -12.41
C PRO A 360 -2.58 -1.72 -11.09
N GLY A 361 -1.79 -1.61 -10.03
CA GLY A 361 -2.22 -2.03 -8.71
C GLY A 361 -2.33 -0.87 -7.73
N GLY A 362 -2.24 -1.18 -6.45
CA GLY A 362 -2.31 -0.15 -5.42
C GLY A 362 -3.24 -0.57 -4.31
N GLY A 363 -3.44 0.33 -3.36
CA GLY A 363 -4.28 0.05 -2.21
C GLY A 363 -3.47 0.11 -0.94
N ASP A 364 -2.69 -0.93 -0.68
CA ASP A 364 -1.82 -0.97 0.49
C ASP A 364 -0.74 0.10 0.38
N MET A 365 -0.91 1.19 1.13
CA MET A 365 -0.01 2.33 1.03
C MET A 365 1.37 1.99 1.54
N ARG A 366 1.50 0.82 2.16
CA ARG A 366 2.78 0.34 2.65
C ARG A 366 3.78 0.18 1.51
N ASP A 367 3.29 0.24 0.28
CA ASP A 367 4.16 0.14 -0.88
C ASP A 367 4.65 1.51 -1.26
N ASN A 368 3.77 2.50 -1.21
CA ASN A 368 4.18 3.88 -1.39
C ASN A 368 5.37 4.17 -0.49
N TRP A 369 5.38 3.52 0.67
CA TRP A 369 6.46 3.66 1.62
C TRP A 369 7.65 2.81 1.18
N ARG A 370 7.41 1.52 0.97
CA ARG A 370 8.43 0.62 0.45
C ARG A 370 9.09 1.24 -0.77
N SER A 371 8.42 2.18 -1.41
CA SER A 371 8.95 2.83 -2.59
C SER A 371 10.09 3.78 -2.23
N GLU A 372 10.05 4.30 -1.01
CA GLU A 372 11.05 5.26 -0.55
C GLU A 372 11.96 4.70 0.55
N LEU A 373 11.58 3.56 1.12
CA LEU A 373 12.33 2.97 2.22
C LEU A 373 13.03 1.68 1.81
N TYR A 374 13.20 1.49 0.51
CA TYR A 374 13.89 0.31 0.00
C TYR A 374 15.38 0.40 0.32
N LYS A 375 15.87 1.62 0.52
CA LYS A 375 17.29 1.87 0.72
C LYS A 375 17.73 1.87 2.18
N TYR A 376 16.76 1.89 3.09
CA TYR A 376 17.08 2.00 4.52
C TYR A 376 16.88 0.69 5.28
N LYS A 377 17.62 0.54 6.37
CA LYS A 377 17.58 -0.64 7.21
C LYS A 377 18.04 -0.23 8.59
N VAL A 378 17.62 -0.94 9.62
CA VAL A 378 17.91 -0.51 10.99
C VAL A 378 18.71 -1.52 11.83
N VAL A 379 19.84 -1.04 12.35
CA VAL A 379 20.74 -1.86 13.16
C VAL A 379 21.09 -1.19 14.49
N GLU A 380 21.26 -1.99 15.53
CA GLU A 380 21.74 -1.50 16.82
C GLU A 380 23.25 -1.68 16.88
N ILE A 381 23.94 -0.71 17.45
CA ILE A 381 25.40 -0.73 17.52
C ILE A 381 25.95 -1.49 18.72
N ALA B 1 0.29 -2.62 11.59
CA ALA B 1 -0.33 -1.53 12.33
C ALA B 1 -1.23 -2.06 13.45
N VAL B 2 -2.53 -1.90 13.27
CA VAL B 2 -3.50 -2.35 14.26
C VAL B 2 -3.32 -3.83 14.60
N GLN B 3 -3.55 -4.19 15.87
CA GLN B 3 -3.33 -5.56 16.31
C GLN B 3 -4.64 -6.34 16.43
N LEU B 4 -4.76 -7.38 15.62
CA LEU B 4 -6.00 -8.15 15.55
C LEU B 4 -5.91 -9.48 16.27
N GLN B 5 -6.98 -9.81 16.99
CA GLN B 5 -7.04 -11.06 17.72
C GLN B 5 -8.47 -11.58 17.70
N GLU B 6 -8.64 -12.73 17.05
CA GLU B 6 -9.96 -13.34 16.93
C GLU B 6 -10.17 -14.34 18.05
N SER B 7 -11.43 -14.61 18.36
CA SER B 7 -11.78 -15.56 19.40
C SER B 7 -13.15 -16.16 19.11
N GLY B 8 -13.54 -17.16 19.88
CA GLY B 8 -14.87 -17.73 19.79
C GLY B 8 -15.04 -18.85 18.79
N GLY B 9 -13.96 -19.18 18.07
CA GLY B 9 -13.99 -20.32 17.16
C GLY B 9 -14.34 -21.57 17.94
N GLY B 10 -14.77 -22.62 17.25
CA GLY B 10 -15.07 -23.87 17.94
C GLY B 10 -15.63 -24.99 17.09
N LEU B 11 -16.23 -25.95 17.78
CA LEU B 11 -16.83 -27.11 17.14
C LEU B 11 -18.34 -27.16 17.42
N VAL B 12 -19.13 -27.39 16.39
CA VAL B 12 -20.58 -27.33 16.54
C VAL B 12 -21.32 -28.23 15.56
N GLN B 13 -22.42 -28.81 16.03
CA GLN B 13 -23.27 -29.65 15.18
C GLN B 13 -23.82 -28.87 14.00
N ALA B 14 -24.05 -29.55 12.89
CA ALA B 14 -24.64 -28.93 11.72
C ALA B 14 -25.91 -28.19 12.13
N GLY B 15 -26.21 -27.10 11.45
CA GLY B 15 -27.39 -26.31 11.76
C GLY B 15 -27.19 -25.40 12.96
N GLY B 16 -26.20 -25.73 13.78
CA GLY B 16 -25.90 -24.93 14.96
C GLY B 16 -25.41 -23.54 14.61
N SER B 17 -25.25 -22.70 15.63
CA SER B 17 -24.80 -21.33 15.43
C SER B 17 -23.61 -21.01 16.35
N LEU B 18 -22.82 -20.01 15.96
CA LEU B 18 -21.60 -19.68 16.68
C LEU B 18 -21.21 -18.22 16.42
N ARG B 19 -20.72 -17.55 17.45
CA ARG B 19 -20.33 -16.15 17.33
C ARG B 19 -18.82 -15.97 17.52
N LEU B 20 -18.20 -15.28 16.56
CA LEU B 20 -16.77 -14.99 16.63
C LEU B 20 -16.55 -13.51 16.92
N SER B 21 -15.45 -13.20 17.59
CA SER B 21 -15.17 -11.81 17.97
C SER B 21 -13.73 -11.46 17.65
N CYS B 22 -13.54 -10.33 16.99
CA CYS B 22 -12.20 -9.82 16.71
C CYS B 22 -11.99 -8.51 17.45
N THR B 23 -10.82 -8.34 18.04
CA THR B 23 -10.53 -7.14 18.81
C THR B 23 -9.21 -6.51 18.40
N ALA B 24 -9.27 -5.23 18.06
CA ALA B 24 -8.09 -4.51 17.60
C ALA B 24 -7.37 -3.84 18.76
N SER B 25 -6.15 -4.30 19.05
CA SER B 25 -5.37 -3.77 20.17
C SER B 25 -4.92 -2.34 19.89
N GLY B 26 -4.57 -2.06 18.64
CA GLY B 26 -4.29 -0.69 18.22
C GLY B 26 -5.58 0.13 18.23
N ARG B 27 -5.70 1.08 17.32
CA ARG B 27 -6.97 1.78 17.16
C ARG B 27 -7.32 2.06 15.70
N ILE B 28 -8.60 1.94 15.39
CA ILE B 28 -9.09 2.01 14.03
C ILE B 28 -9.58 3.40 13.67
N SER B 29 -8.98 3.98 12.62
CA SER B 29 -9.41 5.29 12.14
C SER B 29 -10.71 5.20 11.35
N SER B 30 -11.28 6.35 11.03
CA SER B 30 -12.56 6.42 10.32
C SER B 30 -12.52 5.72 8.96
N SER B 31 -11.39 5.80 8.27
CA SER B 31 -11.28 5.29 6.89
C SER B 31 -10.91 3.81 6.84
N TYR B 32 -11.47 3.02 7.74
CA TYR B 32 -11.11 1.61 7.81
C TYR B 32 -12.25 0.68 7.42
N ASP B 33 -11.88 -0.44 6.80
CA ASP B 33 -12.79 -1.57 6.63
C ASP B 33 -12.37 -2.67 7.57
N MET B 34 -13.35 -3.36 8.13
CA MET B 34 -13.08 -4.52 8.96
C MET B 34 -13.89 -5.67 8.40
N GLY B 35 -13.24 -6.80 8.15
CA GLY B 35 -13.91 -7.92 7.53
C GLY B 35 -13.47 -9.27 8.00
N TRP B 36 -14.17 -10.30 7.54
CA TRP B 36 -13.84 -11.68 7.88
C TRP B 36 -13.59 -12.49 6.63
N PHE B 37 -12.46 -13.19 6.60
CA PHE B 37 -12.18 -14.17 5.57
C PHE B 37 -12.06 -15.53 6.23
N ARG B 38 -12.03 -16.58 5.43
CA ARG B 38 -11.91 -17.93 5.96
C ARG B 38 -11.22 -18.81 4.95
N GLN B 39 -10.48 -19.80 5.44
CA GLN B 39 -9.82 -20.75 4.57
C GLN B 39 -10.15 -22.17 4.98
N ALA B 40 -10.93 -22.85 4.15
CA ALA B 40 -11.22 -24.25 4.35
C ALA B 40 -9.99 -25.05 3.93
N PRO B 41 -9.85 -26.28 4.45
CA PRO B 41 -8.67 -27.10 4.15
C PRO B 41 -8.58 -27.45 2.66
N GLY B 42 -7.37 -27.46 2.13
CA GLY B 42 -7.17 -27.82 0.74
C GLY B 42 -7.60 -26.73 -0.23
N LYS B 43 -8.43 -25.82 0.26
CA LYS B 43 -8.90 -24.70 -0.57
C LYS B 43 -8.13 -23.43 -0.25
N GLU B 44 -8.50 -22.33 -0.90
CA GLU B 44 -7.80 -21.07 -0.71
C GLU B 44 -8.61 -20.11 0.17
N ARG B 45 -7.99 -18.99 0.51
CA ARG B 45 -8.62 -17.99 1.36
C ARG B 45 -9.71 -17.19 0.64
N GLU B 46 -10.94 -17.34 1.07
CA GLU B 46 -12.04 -16.56 0.52
C GLU B 46 -12.58 -15.52 1.50
N PHE B 47 -13.46 -14.66 1.00
CA PHE B 47 -14.04 -13.58 1.76
C PHE B 47 -15.36 -14.01 2.39
N VAL B 48 -15.78 -13.33 3.46
CA VAL B 48 -17.03 -13.70 4.12
C VAL B 48 -17.93 -12.51 4.41
N ALA B 49 -17.39 -11.50 5.09
CA ALA B 49 -18.17 -10.33 5.46
C ALA B 49 -17.29 -9.11 5.63
N ALA B 50 -17.86 -7.94 5.40
CA ALA B 50 -17.15 -6.69 5.61
C ALA B 50 -18.09 -5.64 6.15
N ILE B 51 -17.56 -4.76 6.99
CA ILE B 51 -18.34 -3.65 7.51
C ILE B 51 -17.48 -2.38 7.50
N SER B 52 -18.07 -1.29 7.05
CA SER B 52 -17.41 0.00 7.14
C SER B 52 -17.31 0.40 8.61
N TRP B 53 -16.13 0.83 9.04
CA TRP B 53 -15.94 1.17 10.44
C TRP B 53 -16.75 2.41 10.83
N SER B 54 -16.82 3.36 9.92
CA SER B 54 -17.47 4.63 10.22
C SER B 54 -18.98 4.59 9.99
N GLY B 55 -19.38 4.16 8.80
CA GLY B 55 -20.79 4.17 8.42
C GLY B 55 -21.55 2.89 8.70
N GLY B 56 -20.82 1.79 8.87
CA GLY B 56 -21.42 0.52 9.23
C GLY B 56 -22.14 -0.20 8.09
N THR B 57 -21.79 0.11 6.86
CA THR B 57 -22.36 -0.61 5.73
C THR B 57 -21.73 -1.99 5.67
N THR B 58 -22.51 -2.97 5.22
CA THR B 58 -22.05 -4.35 5.18
C THR B 58 -22.04 -4.98 3.79
N ASP B 59 -21.31 -6.08 3.66
CA ASP B 59 -21.23 -6.82 2.42
C ASP B 59 -20.93 -8.27 2.78
N TYR B 60 -21.72 -9.19 2.26
CA TYR B 60 -21.56 -10.61 2.53
C TYR B 60 -21.26 -11.41 1.26
N ALA B 61 -20.47 -12.48 1.42
CA ALA B 61 -20.27 -13.42 0.33
C ALA B 61 -21.63 -14.08 0.04
N ASP B 62 -21.89 -14.38 -1.22
CA ASP B 62 -23.18 -14.94 -1.62
C ASP B 62 -23.58 -16.18 -0.81
N SER B 63 -22.63 -17.11 -0.66
CA SER B 63 -22.88 -18.35 0.08
C SER B 63 -23.16 -18.10 1.55
N VAL B 64 -23.09 -16.83 1.94
CA VAL B 64 -23.22 -16.46 3.35
C VAL B 64 -24.47 -15.62 3.61
N LYS B 65 -24.86 -14.81 2.63
CA LYS B 65 -26.03 -13.94 2.77
C LYS B 65 -27.15 -14.72 3.44
N GLY B 66 -27.64 -14.17 4.55
CA GLY B 66 -28.78 -14.75 5.24
C GLY B 66 -28.44 -15.56 6.47
N ARG B 67 -27.21 -16.06 6.54
CA ARG B 67 -26.84 -16.98 7.61
C ARG B 67 -25.89 -16.33 8.62
N PHE B 68 -24.89 -15.62 8.11
CA PHE B 68 -23.94 -14.93 8.96
C PHE B 68 -24.31 -13.46 9.11
N ALA B 69 -23.79 -12.80 10.14
CA ALA B 69 -24.06 -11.38 10.32
C ALA B 69 -22.91 -10.65 11.03
N ILE B 70 -22.36 -9.65 10.35
CA ILE B 70 -21.18 -8.93 10.84
C ILE B 70 -21.58 -7.65 11.54
N SER B 71 -21.09 -7.47 12.77
CA SER B 71 -21.43 -6.31 13.58
C SER B 71 -20.19 -5.71 14.22
N LYS B 72 -20.24 -4.41 14.50
CA LYS B 72 -19.10 -3.76 15.14
C LYS B 72 -19.51 -3.06 16.44
N ASP B 73 -18.53 -2.81 17.27
CA ASP B 73 -18.70 -1.96 18.44
C ASP B 73 -17.49 -1.05 18.52
N ASN B 74 -17.65 0.18 18.06
CA ASN B 74 -16.55 1.14 18.00
C ASN B 74 -15.98 1.46 19.38
N ALA B 75 -16.83 1.40 20.39
CA ALA B 75 -16.40 1.63 21.77
C ALA B 75 -15.29 0.66 22.15
N LYS B 76 -15.48 -0.60 21.77
CA LYS B 76 -14.54 -1.65 22.17
C LYS B 76 -13.52 -2.00 21.10
N ASN B 77 -13.58 -1.29 19.97
CA ASN B 77 -12.71 -1.61 18.84
C ASN B 77 -12.89 -3.08 18.46
N ALA B 78 -14.14 -3.49 18.30
CA ALA B 78 -14.45 -4.89 18.09
C ALA B 78 -15.39 -5.09 16.91
N VAL B 79 -15.13 -6.14 16.13
CA VAL B 79 -16.07 -6.59 15.12
C VAL B 79 -16.48 -8.02 15.46
N TYR B 80 -17.73 -8.36 15.20
CA TYR B 80 -18.28 -9.65 15.57
C TYR B 80 -18.87 -10.37 14.36
N LEU B 81 -18.92 -11.69 14.45
CA LEU B 81 -19.48 -12.48 13.37
C LEU B 81 -20.44 -13.52 13.91
N GLN B 82 -21.73 -13.22 13.87
CA GLN B 82 -22.71 -14.22 14.23
C GLN B 82 -22.91 -15.16 13.06
N MET B 83 -22.76 -16.46 13.32
CA MET B 83 -22.95 -17.47 12.30
C MET B 83 -24.04 -18.43 12.73
N ASN B 84 -25.16 -18.42 12.01
CA ASN B 84 -26.27 -19.32 12.30
C ASN B 84 -26.42 -20.32 11.18
N SER B 85 -27.22 -21.37 11.42
CA SER B 85 -27.44 -22.40 10.41
C SER B 85 -26.11 -22.81 9.78
N LEU B 86 -25.23 -23.39 10.58
CA LEU B 86 -23.90 -23.75 10.11
C LEU B 86 -23.91 -25.04 9.32
N LYS B 87 -23.07 -25.09 8.30
CA LYS B 87 -22.95 -26.27 7.46
C LYS B 87 -21.50 -26.75 7.48
N PRO B 88 -21.31 -28.06 7.26
CA PRO B 88 -19.95 -28.63 7.23
C PRO B 88 -19.03 -27.86 6.28
N GLU B 89 -19.61 -27.19 5.28
CA GLU B 89 -18.83 -26.44 4.31
C GLU B 89 -18.26 -25.16 4.94
N ASP B 90 -18.92 -24.68 5.99
CA ASP B 90 -18.45 -23.49 6.69
C ASP B 90 -17.21 -23.77 7.51
N THR B 91 -16.77 -25.02 7.53
CA THR B 91 -15.57 -25.40 8.27
C THR B 91 -14.34 -24.76 7.66
N ALA B 92 -13.61 -24.01 8.47
CA ALA B 92 -12.41 -23.30 8.04
C ALA B 92 -11.79 -22.58 9.22
N VAL B 93 -10.61 -22.01 8.97
CA VAL B 93 -10.05 -21.06 9.90
C VAL B 93 -10.63 -19.72 9.48
N TYR B 94 -11.14 -18.96 10.44
CA TYR B 94 -11.62 -17.63 10.12
C TYR B 94 -10.62 -16.59 10.57
N TYR B 95 -10.36 -15.61 9.70
CA TYR B 95 -9.40 -14.56 9.98
C TYR B 95 -10.13 -13.23 10.03
N CYS B 96 -10.01 -12.53 11.14
CA CYS B 96 -10.41 -11.14 11.17
C CYS B 96 -9.41 -10.42 10.27
N ALA B 97 -9.79 -9.28 9.72
CA ALA B 97 -8.88 -8.53 8.86
C ALA B 97 -9.30 -7.07 8.72
N ALA B 98 -8.36 -6.22 8.33
CA ALA B 98 -8.66 -4.81 8.17
C ALA B 98 -7.90 -4.19 7.01
N LYS B 99 -8.34 -3.00 6.62
CA LYS B 99 -7.88 -2.38 5.39
C LYS B 99 -8.08 -0.89 5.58
N TRP B 100 -6.97 -0.14 5.44
CA TRP B 100 -7.05 1.31 5.55
C TRP B 100 -7.34 1.92 4.19
N ARG B 101 -8.55 2.44 4.04
CA ARG B 101 -8.98 3.06 2.81
C ARG B 101 -9.30 4.52 3.05
N PRO B 102 -8.27 5.38 3.02
CA PRO B 102 -8.48 6.81 3.21
C PRO B 102 -9.06 7.44 1.94
N LEU B 103 -8.81 6.77 0.81
CA LEU B 103 -9.30 7.27 -0.48
C LEU B 103 -10.60 6.61 -0.89
N ARG B 104 -11.21 5.86 0.02
CA ARG B 104 -12.50 5.24 -0.26
C ARG B 104 -13.47 6.28 -0.79
N TYR B 105 -14.16 5.93 -1.88
CA TYR B 105 -15.14 6.82 -2.47
C TYR B 105 -16.45 6.80 -1.68
N SER B 106 -16.77 5.65 -1.08
CA SER B 106 -18.03 5.50 -0.37
C SER B 106 -17.90 4.69 0.90
N ASP B 107 -19.00 4.57 1.63
CA ASP B 107 -19.00 3.82 2.88
C ASP B 107 -19.01 2.32 2.64
N TYR B 108 -19.28 1.92 1.39
CA TYR B 108 -19.38 0.51 1.05
C TYR B 108 -18.05 -0.22 1.27
N PRO B 109 -18.06 -1.25 2.14
CA PRO B 109 -16.87 -2.05 2.46
C PRO B 109 -16.38 -2.83 1.24
N SER B 110 -15.13 -3.29 1.28
CA SER B 110 -14.55 -4.06 0.19
C SER B 110 -14.72 -5.55 0.40
N ASN B 111 -14.59 -6.32 -0.67
CA ASN B 111 -14.67 -7.77 -0.62
C ASN B 111 -13.33 -8.43 -0.93
N SER B 112 -12.27 -7.62 -0.99
CA SER B 112 -10.98 -8.11 -1.47
C SER B 112 -9.77 -7.40 -0.87
N ASP B 113 -8.61 -8.05 -0.99
CA ASP B 113 -7.33 -7.47 -0.64
C ASP B 113 -7.32 -6.79 0.71
N TYR B 114 -7.09 -7.56 1.78
CA TYR B 114 -6.89 -6.93 3.07
C TYR B 114 -5.41 -6.94 3.42
N TYR B 115 -5.03 -6.08 4.34
CA TYR B 115 -3.62 -5.79 4.56
C TYR B 115 -3.17 -6.13 5.98
N ASP B 116 -4.05 -5.90 6.94
CA ASP B 116 -3.79 -6.26 8.33
C ASP B 116 -4.59 -7.51 8.70
N TRP B 117 -4.00 -8.40 9.49
CA TRP B 117 -4.64 -9.68 9.78
C TRP B 117 -4.59 -10.12 11.23
N GLY B 118 -5.36 -11.16 11.53
CA GLY B 118 -5.27 -11.86 12.80
C GLY B 118 -4.64 -13.22 12.55
N GLN B 119 -4.41 -13.96 13.63
CA GLN B 119 -3.75 -15.26 13.54
C GLN B 119 -4.69 -16.37 13.12
N GLY B 120 -6.00 -16.09 13.13
CA GLY B 120 -7.01 -17.08 12.79
C GLY B 120 -7.62 -17.79 13.99
N THR B 121 -8.88 -18.18 13.87
CA THR B 121 -9.51 -19.03 14.87
C THR B 121 -10.27 -20.19 14.20
N GLN B 122 -10.24 -21.36 14.83
CA GLN B 122 -10.72 -22.59 14.21
C GLN B 122 -12.23 -22.78 14.30
N VAL B 123 -12.85 -23.06 13.17
CA VAL B 123 -14.27 -23.36 13.13
C VAL B 123 -14.50 -24.71 12.45
N THR B 124 -15.15 -25.61 13.17
CA THR B 124 -15.41 -26.95 12.66
C THR B 124 -16.88 -27.35 12.81
N VAL B 125 -17.47 -27.80 11.71
CA VAL B 125 -18.88 -28.19 11.69
C VAL B 125 -19.07 -29.68 11.41
N SER B 126 -19.72 -30.36 12.35
CA SER B 126 -19.93 -31.81 12.22
C SER B 126 -21.30 -32.15 11.63
N SER B 127 -21.30 -33.01 10.62
CA SER B 127 -22.53 -33.39 9.91
C SER B 127 -23.55 -34.10 10.83
C1 NAG C . 17.37 -8.87 -7.46
C2 NAG C . 16.38 -9.95 -7.91
C3 NAG C . 16.43 -11.19 -7.04
C4 NAG C . 17.88 -11.63 -6.93
C5 NAG C . 18.67 -10.55 -6.20
C6 NAG C . 20.14 -10.97 -6.07
C7 NAG C . 14.61 -8.58 -8.88
C8 NAG C . 13.15 -8.68 -9.22
N2 NAG C . 15.04 -9.38 -7.92
O3 NAG C . 15.68 -12.24 -7.61
O4 NAG C . 17.96 -12.85 -6.21
O5 NAG C . 18.60 -9.30 -6.88
O6 NAG C . 20.83 -10.05 -5.25
O7 NAG C . 15.32 -7.78 -9.48
C1 NAG D . 29.55 2.87 -2.48
C2 NAG D . 30.07 2.80 -3.91
C3 NAG D . 30.52 4.17 -4.43
C4 NAG D . 29.57 5.30 -4.00
C5 NAG D . 29.07 5.09 -2.58
C6 NAG D . 28.04 6.11 -2.10
C7 NAG D . 30.90 0.65 -4.67
C8 NAG D . 31.84 -0.49 -4.39
N2 NAG D . 31.12 1.80 -4.03
O3 NAG D . 30.58 4.13 -5.84
O4 NAG D . 30.24 6.54 -4.10
O5 NAG D . 28.51 3.81 -2.48
O6 NAG D . 27.53 5.67 -0.85
O7 NAG D . 29.96 0.51 -5.45
C1 NAG E . 3.84 17.32 -5.48
C2 NAG E . 2.51 17.39 -4.72
C3 NAG E . 1.82 18.76 -4.83
C4 NAG E . 2.83 19.84 -4.52
C5 NAG E . 4.00 19.71 -5.48
C6 NAG E . 4.98 20.86 -5.30
C7 NAG E . 1.04 15.54 -4.27
C8 NAG E . 0.04 14.57 -4.82
N2 NAG E . 1.61 16.35 -5.15
O3 NAG E . 0.71 18.84 -3.96
O4 NAG E . 2.23 21.11 -4.62
O5 NAG E . 4.64 18.48 -5.28
O6 NAG E . 6.14 20.37 -4.65
O7 NAG E . 1.28 15.56 -3.06
C1 NAG F . 7.58 -17.67 -5.79
C2 NAG F . 8.60 -18.35 -4.86
C3 NAG F . 8.39 -19.84 -4.76
C4 NAG F . 6.91 -20.06 -4.54
C5 NAG F . 6.19 -19.73 -5.85
C6 NAG F . 4.70 -19.59 -5.60
C7 NAG F . 10.74 -17.25 -4.63
C8 NAG F . 12.20 -17.46 -4.85
N2 NAG F . 9.94 -18.05 -5.32
O3 NAG F . 9.11 -20.37 -3.66
O4 NAG F . 6.64 -21.38 -4.14
O5 NAG F . 6.69 -18.54 -6.48
O6 NAG F . 4.06 -19.03 -6.74
O7 NAG F . 10.33 -16.40 -3.84
C1 NAG G . 16.20 4.93 -17.99
C2 NAG G . 17.55 5.45 -18.48
C3 NAG G . 17.92 4.75 -19.78
C4 NAG G . 17.93 3.25 -19.55
C5 NAG G . 16.62 2.79 -18.91
C6 NAG G . 16.67 1.31 -18.57
C7 NAG G . 18.28 7.68 -17.82
C8 NAG G . 19.50 7.09 -17.19
N2 NAG G . 17.56 6.89 -18.62
O3 NAG G . 19.18 5.19 -20.23
O4 NAG G . 18.11 2.57 -20.78
O5 NAG G . 16.33 3.55 -17.75
O6 NAG G . 16.04 0.55 -19.58
O7 NAG G . 17.97 8.85 -17.59
C1 NAG H . -12.80 4.58 -17.84
C2 NAG H . -13.74 3.59 -17.15
C3 NAG H . -14.19 2.54 -18.14
C4 NAG H . -14.82 3.22 -19.35
C5 NAG H . -13.97 4.36 -19.90
C6 NAG H . -14.78 5.23 -20.84
C7 NAG H . -13.63 3.11 -14.80
C8 NAG H . -13.79 1.85 -14.00
N2 NAG H . -13.11 2.98 -16.01
O3 NAG H . -15.12 1.66 -17.54
O4 NAG H . -15.03 2.26 -20.36
O5 NAG H . -13.47 5.23 -18.88
O6 NAG H . -14.59 6.58 -20.49
O7 NAG H . -13.97 4.20 -14.33
C1 NAG I . -7.75 1.08 -25.20
C2 NAG I . -9.05 0.33 -24.87
C3 NAG I . -10.08 0.55 -25.96
C4 NAG I . -10.30 2.05 -26.09
C5 NAG I . -8.99 2.76 -26.42
C6 NAG I . -9.18 4.28 -26.45
C7 NAG I . -9.13 -1.62 -23.44
C8 NAG I . -10.18 -0.91 -22.65
N2 NAG I . -8.83 -1.09 -24.63
O3 NAG I . -11.29 -0.11 -25.62
O4 NAG I . -11.23 2.29 -27.12
O5 NAG I . -7.98 2.45 -25.49
O6 NAG I . -9.42 4.77 -25.16
O7 NAG I . -8.60 -2.63 -23.00
C1 NAG J . 10.53 -11.57 -32.29
C2 NAG J . 10.17 -12.94 -31.69
C3 NAG J . 10.83 -14.11 -32.41
C4 NAG J . 10.70 -13.92 -33.92
C5 NAG J . 11.32 -12.59 -34.31
C6 NAG J . 11.37 -12.41 -35.83
C7 NAG J . 9.79 -12.43 -29.34
C8 NAG J . 10.25 -12.63 -27.92
N2 NAG J . 10.54 -12.98 -30.30
O3 NAG J . 10.22 -15.33 -32.01
O4 NAG J . 11.34 -15.00 -34.57
O5 NAG J . 10.59 -11.55 -33.71
O6 NAG J . 11.85 -11.10 -36.15
O7 NAG J . 8.76 -11.79 -29.56
#